data_3FUL
#
_entry.id   3FUL
#
_cell.length_a   78.337
_cell.length_b   87.083
_cell.length_c   99.766
_cell.angle_alpha   90.00
_cell.angle_beta   90.00
_cell.angle_gamma   90.00
#
_symmetry.space_group_name_H-M   'P 21 21 21'
#
loop_
_entity.id
_entity.type
_entity.pdbx_description
1 polymer 'Leukotriene A-4 hydrolase'
2 non-polymer 'ZINC ION'
3 non-polymer 'YTTERBIUM (III) ION'
4 non-polymer pyridin-4-yl[4-(2-pyrrolidin-1-ylethoxy)phenyl]methanone
5 non-polymer IMIDAZOLE
6 water water
#
_entity_poly.entity_id   1
_entity_poly.type   'polypeptide(L)'
_entity_poly.pdbx_seq_one_letter_code
;MPEIVDTCSLASPASVCRTKHLHLRCSVDFTRRTLTGTAALTVQSQEDNLRSLVLDTKDLTIEKVVINGQEVKYALGERQ
SYKGSPMEISLPIALSKNQEIVIEISFETSPKSSALQWLTPEQTSGKEHPYLFSQCQAIHCRAILPCQDTPSVKLTYTAE
VSVPKELVALMSAIRDGETPDPEDPSRKIYKFIQKVPIPCYLIALVVGALESRQIGPRTLVWSEKEQVEKSAYEFSETES
MLKIAEDLGGPYVWGQYDLLVLPPSFPYGGMENPCLTFVTPTLLAGDKSLSNVIAHEISHSWTGNLVTNKTWDHFWLNEG
HTVYLERHICGRLFGEKFRHFNALGGWGELQNSVKTFGETHPFTKLVVDLTDIDPDVAYSSVPYEKGFALLFYLEQLLGG
PEIFLGFLKAYVEKFSYKSITTDDWKDFLYSYFKDKVDVLNQVDWNAWLYSPGLPPIKPNYDMTLTNACIALSQRWITAK
EDDLNSFNATDLKDLSSHQLNEFLAQTLQRAPLPLGHIKRMQEVYNFNAINNSEIRFRWLRLCIQSKWEDAIPLALKMAT
EQGRMKFTRPLFKDLAAFDKSHDQAVRTYQEHKASMHPVTAMLVGKDLKVD
;
_entity_poly.pdbx_strand_id   A
#
loop_
_chem_comp.id
_chem_comp.type
_chem_comp.name
_chem_comp.formula
52D non-polymer pyridin-4-yl[4-(2-pyrrolidin-1-ylethoxy)phenyl]methanone 'C18 H20 N2 O2'
IMD non-polymer IMIDAZOLE 'C3 H5 N2 1'
YB non-polymer 'YTTERBIUM (III) ION' 'Yb 3'
ZN non-polymer 'ZINC ION' 'Zn 2'
#
# COMPACT_ATOMS: atom_id res chain seq x y z
N ASP A 6 4.69 12.99 -16.33
CA ASP A 6 3.75 12.04 -15.60
C ASP A 6 2.61 11.57 -16.47
N THR A 7 2.71 10.34 -16.95
CA THR A 7 1.76 9.91 -17.95
C THR A 7 0.45 9.37 -17.38
N CYS A 8 0.38 9.26 -16.06
CA CYS A 8 -0.85 8.85 -15.38
C CYS A 8 -1.67 10.08 -14.98
N SER A 9 -1.18 11.28 -15.29
CA SER A 9 -1.88 12.51 -14.87
C SER A 9 -2.26 13.37 -16.03
N LEU A 10 -3.38 14.07 -15.91
CA LEU A 10 -3.88 14.92 -16.97
C LEU A 10 -3.63 16.40 -16.62
N ALA A 11 -3.09 16.65 -15.43
CA ALA A 11 -2.97 18.01 -14.92
C ALA A 11 -1.80 18.70 -15.56
N SER A 12 -1.64 20.00 -15.33
CA SER A 12 -0.47 20.72 -15.81
C SER A 12 0.69 20.19 -15.01
N PRO A 13 1.79 19.86 -15.69
CA PRO A 13 2.96 19.37 -14.97
C PRO A 13 3.60 20.47 -14.11
N ALA A 14 4.44 20.02 -13.18
CA ALA A 14 5.22 20.87 -12.30
C ALA A 14 6.04 21.92 -13.00
N SER A 15 6.40 21.69 -14.26
CA SER A 15 7.15 22.69 -15.03
C SER A 15 6.27 23.88 -15.43
N VAL A 16 4.96 23.71 -15.36
CA VAL A 16 4.02 24.79 -15.69
C VAL A 16 3.52 25.54 -14.42
N CYS A 17 3.08 24.76 -13.41
CA CYS A 17 2.57 25.34 -12.17
C CYS A 17 2.62 24.29 -11.04
N ARG A 18 2.64 24.72 -9.78
CA ARG A 18 2.82 23.79 -8.68
C ARG A 18 1.88 24.16 -7.54
N THR A 19 1.17 23.20 -6.99
CA THR A 19 0.37 23.47 -5.80
C THR A 19 1.25 23.48 -4.56
N LYS A 20 1.16 24.53 -3.75
CA LYS A 20 1.92 24.64 -2.52
C LYS A 20 1.05 24.20 -1.33
N HIS A 21 -0.27 24.33 -1.47
CA HIS A 21 -1.14 24.16 -0.31
C HIS A 21 -2.56 23.85 -0.71
N LEU A 22 -3.19 23.01 0.11
CA LEU A 22 -4.60 22.73 -0.02
C LEU A 22 -5.28 23.06 1.30
N HIS A 23 -6.27 23.94 1.24
CA HIS A 23 -7.18 24.00 2.39
C HIS A 23 -8.48 23.33 1.96
N LEU A 24 -8.84 22.27 2.67
CA LEU A 24 -10.01 21.47 2.35
C LEU A 24 -11.04 21.71 3.43
N ARG A 25 -12.18 22.24 3.02
CA ARG A 25 -13.34 22.34 3.93
C ARG A 25 -14.41 21.46 3.34
N CYS A 26 -14.86 20.49 4.11
CA CYS A 26 -15.84 19.56 3.57
C CYS A 26 -16.73 18.94 4.63
N SER A 27 -17.75 18.26 4.15
CA SER A 27 -18.71 17.64 5.03
C SER A 27 -18.91 16.24 4.51
N VAL A 28 -19.01 15.29 5.43
CA VAL A 28 -19.16 13.89 5.04
C VAL A 28 -20.64 13.53 5.22
N ASP A 29 -21.32 13.28 4.12
CA ASP A 29 -22.73 12.96 4.18
C ASP A 29 -22.99 11.47 3.91
N PHE A 30 -23.29 10.72 4.98
CA PHE A 30 -23.48 9.27 4.85
C PHE A 30 -24.82 8.87 4.18
N THR A 31 -25.77 9.81 4.14
CA THR A 31 -27.07 9.60 3.56
C THR A 31 -26.98 9.57 2.05
N ARG A 32 -26.10 10.38 1.47
CA ARG A 32 -25.96 10.44 0.01
C ARG A 32 -24.67 9.80 -0.48
N ARG A 33 -23.82 9.46 0.50
CA ARG A 33 -22.47 8.88 0.31
C ARG A 33 -21.63 9.80 -0.54
N THR A 34 -21.69 11.07 -0.17
CA THR A 34 -20.86 12.07 -0.79
C THR A 34 -20.12 12.89 0.25
N LEU A 35 -19.02 13.46 -0.22
CA LEU A 35 -18.27 14.46 0.49
C LEU A 35 -18.51 15.74 -0.33
N THR A 36 -18.87 16.83 0.32
CA THR A 36 -19.16 18.09 -0.37
C THR A 36 -18.35 19.20 0.26
N GLY A 37 -17.83 20.12 -0.54
CA GLY A 37 -17.15 21.22 0.10
C GLY A 37 -16.29 21.97 -0.86
N THR A 38 -15.26 22.59 -0.32
CA THR A 38 -14.37 23.39 -1.13
C THR A 38 -12.94 22.96 -0.91
N ALA A 39 -12.17 23.05 -1.98
CA ALA A 39 -10.75 22.76 -1.97
C ALA A 39 -10.10 24.04 -2.50
N ALA A 40 -9.37 24.73 -1.63
CA ALA A 40 -8.71 25.95 -2.06
C ALA A 40 -7.23 25.61 -2.32
N LEU A 41 -6.83 25.60 -3.57
CA LEU A 41 -5.43 25.33 -3.93
C LEU A 41 -4.61 26.60 -4.07
N THR A 42 -3.56 26.73 -3.25
CA THR A 42 -2.62 27.84 -3.43
C THR A 42 -1.65 27.43 -4.52
N VAL A 43 -1.76 28.08 -5.68
CA VAL A 43 -0.95 27.68 -6.85
C VAL A 43 0.14 28.68 -7.26
N GLN A 44 1.31 28.15 -7.58
CA GLN A 44 2.41 29.00 -7.97
C GLN A 44 2.82 28.80 -9.43
N SER A 45 2.77 29.84 -10.23
CA SER A 45 3.08 29.66 -11.64
C SER A 45 4.57 29.40 -11.80
N GLN A 46 4.94 28.48 -12.69
CA GLN A 46 6.35 28.24 -12.94
C GLN A 46 6.80 28.90 -14.24
N GLU A 47 5.87 29.61 -14.87
CA GLU A 47 6.20 30.25 -16.15
C GLU A 47 5.54 31.62 -16.32
N ASP A 48 6.19 32.44 -17.15
CA ASP A 48 5.63 33.71 -17.56
C ASP A 48 4.25 33.63 -18.22
N ASN A 49 3.42 34.63 -17.99
CA ASN A 49 2.15 34.79 -18.73
C ASN A 49 1.21 33.57 -18.67
N LEU A 50 1.09 32.98 -17.49
CA LEU A 50 0.22 31.83 -17.32
C LEU A 50 -1.21 32.29 -17.33
N ARG A 51 -1.99 31.78 -18.28
CA ARG A 51 -3.44 32.14 -18.36
C ARG A 51 -4.41 30.95 -18.12
N SER A 52 -3.93 29.73 -18.26
CA SER A 52 -4.82 28.59 -18.00
C SER A 52 -4.06 27.53 -17.24
N LEU A 53 -4.83 26.66 -16.62
CA LEU A 53 -4.25 25.65 -15.76
C LEU A 53 -5.17 24.41 -15.75
N VAL A 54 -4.58 23.21 -15.75
CA VAL A 54 -5.34 21.97 -15.89
C VAL A 54 -5.17 21.06 -14.70
N LEU A 55 -6.30 20.55 -14.20
CA LEU A 55 -6.35 19.75 -13.00
C LEU A 55 -6.89 18.34 -13.22
N ASP A 56 -6.47 17.37 -12.39
CA ASP A 56 -7.06 16.04 -12.52
C ASP A 56 -8.37 16.03 -11.76
N THR A 57 -9.37 15.35 -12.33
CA THR A 57 -10.58 15.01 -11.57
C THR A 57 -11.09 13.65 -12.03
N LYS A 58 -11.90 12.99 -11.20
CA LYS A 58 -12.48 11.71 -11.56
C LYS A 58 -13.84 11.60 -10.87
N ASP A 59 -14.90 11.47 -11.67
CA ASP A 59 -16.28 11.36 -11.18
C ASP A 59 -16.63 12.46 -10.20
N LEU A 60 -16.13 13.67 -10.44
CA LEU A 60 -16.46 14.80 -9.54
C LEU A 60 -17.51 15.69 -10.16
N THR A 61 -18.32 16.30 -9.30
CA THR A 61 -19.35 17.23 -9.75
C THR A 61 -18.86 18.57 -9.28
N ILE A 62 -18.54 19.46 -10.22
CA ILE A 62 -18.06 20.81 -9.90
C ILE A 62 -19.22 21.80 -9.84
N GLU A 63 -19.41 22.45 -8.69
CA GLU A 63 -20.43 23.48 -8.58
C GLU A 63 -19.94 24.75 -9.28
N LYS A 64 -18.76 25.22 -8.88
CA LYS A 64 -18.18 26.47 -9.38
C LYS A 64 -16.65 26.55 -9.05
N VAL A 65 -16.02 27.64 -9.50
CA VAL A 65 -14.61 27.92 -9.25
C VAL A 65 -14.45 29.40 -9.03
N VAL A 66 -13.84 29.76 -7.90
CA VAL A 66 -13.75 31.14 -7.46
C VAL A 66 -12.33 31.60 -7.21
N ILE A 67 -11.95 32.72 -7.82
CA ILE A 67 -10.64 33.35 -7.61
C ILE A 67 -10.83 34.85 -7.33
N ASN A 68 -10.19 35.34 -6.28
CA ASN A 68 -10.24 36.76 -5.93
C ASN A 68 -11.67 37.21 -5.75
N GLY A 69 -12.49 36.34 -5.16
CA GLY A 69 -13.91 36.60 -4.92
C GLY A 69 -14.88 36.52 -6.11
N GLN A 70 -14.46 36.02 -7.26
CA GLN A 70 -15.43 35.93 -8.39
C GLN A 70 -15.43 34.57 -9.07
N GLU A 71 -16.58 34.16 -9.62
CA GLU A 71 -16.63 32.94 -10.46
C GLU A 71 -15.92 33.05 -11.82
N VAL A 72 -15.13 32.03 -12.16
CA VAL A 72 -14.37 32.02 -13.39
C VAL A 72 -14.80 30.87 -14.25
N LYS A 73 -14.45 30.90 -15.53
CA LYS A 73 -14.70 29.80 -16.47
C LYS A 73 -13.74 28.61 -16.31
N TYR A 74 -14.32 27.42 -16.38
CA TYR A 74 -13.60 26.18 -16.37
C TYR A 74 -14.37 25.25 -17.29
N ALA A 75 -13.72 24.19 -17.77
CA ALA A 75 -14.43 23.19 -18.55
C ALA A 75 -13.91 21.78 -18.23
N LEU A 76 -14.81 20.81 -18.36
CA LEU A 76 -14.44 19.42 -18.14
C LEU A 76 -14.23 18.70 -19.47
N GLY A 77 -13.06 18.11 -19.65
CA GLY A 77 -12.80 17.32 -20.85
C GLY A 77 -13.55 16.00 -20.75
N GLU A 78 -13.48 15.22 -21.82
CA GLU A 78 -14.10 13.91 -21.84
C GLU A 78 -13.32 12.97 -20.93
N ARG A 79 -14.00 11.97 -20.37
CA ARG A 79 -13.38 11.00 -19.51
C ARG A 79 -12.33 10.22 -20.30
N GLN A 80 -11.20 9.94 -19.65
CA GLN A 80 -10.19 9.06 -20.22
C GLN A 80 -10.05 7.86 -19.31
N SER A 81 -11.14 7.13 -19.17
CA SER A 81 -11.16 5.89 -18.44
C SER A 81 -10.72 6.10 -17.01
N TYR A 82 -9.76 5.29 -16.55
CA TYR A 82 -9.24 5.36 -15.17
C TYR A 82 -8.50 6.68 -14.81
N LYS A 83 -8.02 7.44 -15.79
CA LYS A 83 -7.38 8.73 -15.52
C LYS A 83 -8.37 9.81 -15.18
N GLY A 84 -9.64 9.59 -15.51
CA GLY A 84 -10.69 10.56 -15.22
C GLY A 84 -10.84 11.63 -16.27
N SER A 85 -11.32 12.80 -15.86
CA SER A 85 -11.56 13.89 -16.78
C SER A 85 -10.72 15.16 -16.42
N PRO A 86 -9.96 15.71 -17.39
CA PRO A 86 -9.20 16.96 -17.12
C PRO A 86 -10.10 18.21 -16.98
N MET A 87 -9.74 19.07 -16.02
CA MET A 87 -10.46 20.30 -15.72
C MET A 87 -9.58 21.50 -16.04
N GLU A 88 -9.96 22.23 -17.09
CA GLU A 88 -9.21 23.40 -17.49
C GLU A 88 -9.84 24.65 -16.88
N ILE A 89 -9.07 25.40 -16.09
CA ILE A 89 -9.56 26.61 -15.46
C ILE A 89 -8.93 27.84 -16.12
N SER A 90 -9.74 28.85 -16.44
CA SER A 90 -9.24 30.07 -17.07
C SER A 90 -8.93 31.07 -15.97
N LEU A 91 -7.67 31.43 -15.84
CA LEU A 91 -7.24 32.40 -14.83
C LEU A 91 -7.76 33.81 -15.18
N PRO A 92 -8.31 34.55 -14.21
CA PRO A 92 -8.78 35.90 -14.50
C PRO A 92 -7.66 36.90 -14.88
N ILE A 93 -6.44 36.65 -14.42
CA ILE A 93 -5.29 37.52 -14.73
C ILE A 93 -4.07 36.66 -14.96
N ALA A 94 -3.37 36.89 -16.07
CA ALA A 94 -2.14 36.21 -16.37
C ALA A 94 -1.19 36.40 -15.19
N LEU A 95 -0.42 35.35 -14.91
CA LEU A 95 0.51 35.28 -13.81
C LEU A 95 1.96 35.31 -14.31
N SER A 96 2.84 35.94 -13.54
CA SER A 96 4.24 35.82 -13.90
C SER A 96 4.89 34.67 -13.18
N LYS A 97 6.12 34.38 -13.57
CA LYS A 97 6.92 33.35 -12.90
C LYS A 97 6.93 33.56 -11.41
N ASN A 98 6.60 32.51 -10.70
CA ASN A 98 6.60 32.47 -9.25
C ASN A 98 5.47 33.23 -8.59
N GLN A 99 4.54 33.78 -9.36
CA GLN A 99 3.42 34.43 -8.69
C GLN A 99 2.51 33.39 -8.08
N GLU A 100 1.82 33.67 -7.00
CA GLU A 100 0.95 32.66 -6.40
C GLU A 100 -0.51 33.13 -6.33
N ILE A 101 -1.48 32.27 -6.62
CA ILE A 101 -2.87 32.61 -6.38
C ILE A 101 -3.62 31.48 -5.67
N VAL A 102 -4.72 31.82 -5.02
CA VAL A 102 -5.61 30.82 -4.44
C VAL A 102 -6.77 30.60 -5.38
N ILE A 103 -7.06 29.34 -5.68
CA ILE A 103 -8.21 28.95 -6.52
C ILE A 103 -9.14 28.09 -5.66
N GLU A 104 -10.39 28.52 -5.51
CA GLU A 104 -11.32 27.83 -4.65
C GLU A 104 -12.39 27.00 -5.40
N ILE A 105 -12.36 25.67 -5.25
CA ILE A 105 -13.24 24.83 -6.07
C ILE A 105 -14.24 24.12 -5.24
N SER A 106 -15.51 24.42 -5.54
CA SER A 106 -16.64 23.88 -4.80
C SER A 106 -17.05 22.60 -5.50
N PHE A 107 -16.99 21.49 -4.78
CA PHE A 107 -17.15 20.20 -5.47
C PHE A 107 -17.97 19.27 -4.63
N GLU A 108 -18.38 18.19 -5.29
CA GLU A 108 -19.03 17.05 -4.67
C GLU A 108 -18.42 15.77 -5.26
N THR A 109 -18.08 14.79 -4.41
CA THR A 109 -17.62 13.47 -4.92
C THR A 109 -18.80 12.59 -5.34
N SER A 110 -18.52 11.53 -6.09
CA SER A 110 -19.54 10.51 -6.44
C SER A 110 -19.53 9.35 -5.43
N PRO A 111 -20.71 8.71 -5.20
CA PRO A 111 -20.69 7.54 -4.30
C PRO A 111 -19.86 6.40 -4.88
N LYS A 112 -19.55 6.50 -6.18
CA LYS A 112 -18.75 5.48 -6.88
C LYS A 112 -17.25 5.82 -6.88
N SER A 113 -16.85 6.90 -6.21
CA SER A 113 -15.43 7.27 -6.07
C SER A 113 -14.48 6.11 -5.81
N SER A 114 -13.52 5.92 -6.71
CA SER A 114 -12.56 4.87 -6.59
C SER A 114 -11.61 5.07 -5.38
N ALA A 115 -11.56 6.29 -4.84
CA ALA A 115 -10.75 6.53 -3.64
C ALA A 115 -11.41 6.11 -2.34
N LEU A 116 -12.68 5.74 -2.38
CA LEU A 116 -13.48 5.70 -1.15
C LEU A 116 -14.23 4.40 -0.95
N GLN A 117 -14.32 3.96 0.29
CA GLN A 117 -15.29 2.93 0.56
C GLN A 117 -16.23 3.35 1.65
N TRP A 118 -17.54 3.33 1.33
CA TRP A 118 -18.58 3.67 2.29
C TRP A 118 -19.22 2.40 2.86
N LEU A 119 -19.16 2.27 4.17
CA LEU A 119 -19.67 1.07 4.83
C LEU A 119 -20.94 1.38 5.61
N THR A 120 -21.96 0.56 5.38
CA THR A 120 -23.18 0.49 6.19
C THR A 120 -22.80 0.02 7.61
N PRO A 121 -23.64 0.33 8.61
CA PRO A 121 -23.38 -0.07 10.00
C PRO A 121 -23.10 -1.57 10.17
N GLU A 122 -23.76 -2.41 9.38
CA GLU A 122 -23.58 -3.85 9.49
C GLU A 122 -22.27 -4.36 8.95
N GLN A 123 -21.56 -3.51 8.21
CA GLN A 123 -20.22 -3.86 7.64
C GLN A 123 -19.10 -3.54 8.61
N THR A 124 -19.46 -2.94 9.74
CA THR A 124 -18.49 -2.55 10.76
C THR A 124 -18.61 -3.54 11.94
N SER A 125 -17.69 -3.42 12.88
CA SER A 125 -17.71 -4.16 14.13
C SER A 125 -18.86 -3.82 15.11
N GLY A 126 -19.18 -2.54 15.27
CA GLY A 126 -20.22 -2.10 16.22
C GLY A 126 -21.67 -2.36 15.78
N LYS A 127 -21.95 -2.36 14.48
CA LYS A 127 -23.28 -2.60 13.95
C LYS A 127 -24.23 -1.41 14.17
N GLU A 128 -23.70 -0.33 14.73
CA GLU A 128 -24.55 0.83 15.05
C GLU A 128 -24.30 2.04 14.15
N HIS A 129 -23.05 2.23 13.75
CA HIS A 129 -22.66 3.42 12.99
C HIS A 129 -21.97 3.07 11.63
N PRO A 130 -22.07 3.95 10.64
CA PRO A 130 -21.34 3.68 9.40
C PRO A 130 -19.88 4.16 9.50
N TYR A 131 -19.16 4.05 8.39
CA TYR A 131 -17.73 4.23 8.40
C TYR A 131 -17.35 4.68 7.01
N LEU A 132 -16.25 5.43 6.91
CA LEU A 132 -15.76 5.79 5.59
C LEU A 132 -14.26 5.81 5.65
N PHE A 133 -13.58 5.20 4.65
CA PHE A 133 -12.14 5.42 4.52
C PHE A 133 -11.74 5.72 3.08
N SER A 134 -10.60 6.42 2.95
CA SER A 134 -10.02 6.67 1.65
C SER A 134 -8.79 5.81 1.39
N GLN A 135 -8.49 5.64 0.11
CA GLN A 135 -7.20 5.09 -0.28
C GLN A 135 -6.72 5.78 -1.59
N CYS A 136 -5.76 6.73 -1.50
CA CYS A 136 -5.49 7.59 -2.67
C CYS A 136 -4.43 7.08 -3.60
N GLN A 137 -3.48 6.32 -3.07
CA GLN A 137 -2.46 5.76 -3.89
C GLN A 137 -3.09 4.77 -4.87
N ALA A 138 -2.72 4.82 -6.14
CA ALA A 138 -1.73 5.77 -6.69
C ALA A 138 -2.40 7.02 -7.19
N ILE A 139 -3.43 6.86 -8.01
CA ILE A 139 -4.06 7.99 -8.69
C ILE A 139 -5.54 8.09 -8.37
N HIS A 140 -5.87 8.10 -7.07
CA HIS A 140 -7.26 8.18 -6.65
C HIS A 140 -7.60 9.46 -5.96
N CYS A 141 -6.59 10.26 -5.63
CA CYS A 141 -6.86 11.55 -5.01
C CYS A 141 -7.80 12.42 -5.85
N ARG A 142 -7.68 12.33 -7.17
CA ARG A 142 -8.52 13.09 -8.14
C ARG A 142 -10.01 12.74 -8.05
N ALA A 143 -10.31 11.59 -7.42
CA ALA A 143 -11.67 11.13 -7.18
C ALA A 143 -12.17 11.61 -5.85
N ILE A 144 -11.37 12.35 -5.12
CA ILE A 144 -11.92 13.02 -3.93
C ILE A 144 -12.05 14.55 -4.19
N LEU A 145 -11.05 15.14 -4.86
CA LEU A 145 -10.93 16.56 -4.97
C LEU A 145 -10.09 16.88 -6.20
N PRO A 146 -10.39 17.99 -6.88
CA PRO A 146 -9.53 18.32 -8.02
C PRO A 146 -8.11 18.73 -7.57
N CYS A 147 -7.09 18.16 -8.21
CA CYS A 147 -5.70 18.40 -7.85
C CYS A 147 -4.81 18.08 -9.04
N GLN A 148 -3.57 18.54 -8.95
CA GLN A 148 -2.51 17.98 -9.77
C GLN A 148 -2.13 16.60 -9.16
N ASP A 149 -2.75 15.54 -9.68
CA ASP A 149 -2.67 14.19 -9.11
C ASP A 149 -1.44 13.39 -9.57
N THR A 150 -0.28 13.86 -9.13
CA THR A 150 1.01 13.31 -9.51
C THR A 150 1.92 13.47 -8.32
N PRO A 151 2.83 12.50 -8.13
CA PRO A 151 3.72 12.57 -6.95
C PRO A 151 4.90 13.51 -7.20
N SER A 152 4.87 14.14 -8.39
CA SER A 152 5.96 15.02 -8.78
C SER A 152 5.85 16.38 -8.13
N VAL A 153 4.77 16.58 -7.37
CA VAL A 153 4.40 17.86 -6.81
C VAL A 153 4.08 17.62 -5.35
N LYS A 154 4.62 18.48 -4.48
CA LYS A 154 4.47 18.32 -3.04
C LYS A 154 3.83 19.54 -2.44
N LEU A 155 2.81 19.33 -1.62
CA LEU A 155 2.07 20.43 -1.01
C LEU A 155 1.83 20.17 0.47
N THR A 156 1.62 21.23 1.23
CA THR A 156 1.12 21.11 2.61
C THR A 156 -0.41 21.25 2.54
N TYR A 157 -1.08 20.99 3.67
CA TYR A 157 -2.51 21.07 3.65
C TYR A 157 -3.05 21.27 5.03
N THR A 158 -4.23 21.90 5.10
CA THR A 158 -5.03 21.96 6.32
C THR A 158 -6.42 21.52 5.87
N ALA A 159 -7.25 21.07 6.80
CA ALA A 159 -8.59 20.63 6.46
C ALA A 159 -9.53 20.80 7.66
N GLU A 160 -10.82 20.88 7.34
CA GLU A 160 -11.86 21.02 8.35
C GLU A 160 -12.94 20.11 7.88
N VAL A 161 -13.35 19.17 8.72
CA VAL A 161 -14.22 18.09 8.26
C VAL A 161 -15.45 17.93 9.14
N SER A 162 -16.62 18.23 8.60
CA SER A 162 -17.86 18.07 9.34
C SER A 162 -18.40 16.66 9.24
N VAL A 163 -18.73 16.07 10.39
CA VAL A 163 -19.22 14.69 10.46
C VAL A 163 -20.28 14.62 11.53
N PRO A 164 -21.18 13.64 11.45
CA PRO A 164 -22.13 13.40 12.54
C PRO A 164 -21.41 13.43 13.88
N LYS A 165 -21.96 14.17 14.84
CA LYS A 165 -21.24 14.37 16.08
C LYS A 165 -20.83 13.12 16.82
N GLU A 166 -21.43 11.97 16.54
CA GLU A 166 -21.12 10.82 17.37
C GLU A 166 -19.94 10.04 16.78
N LEU A 167 -19.56 10.42 15.58
CA LEU A 167 -18.41 9.88 14.90
C LEU A 167 -17.13 10.69 15.07
N VAL A 168 -16.01 10.03 14.75
CA VAL A 168 -14.72 10.68 14.70
C VAL A 168 -14.15 10.76 13.26
N ALA A 169 -13.54 11.90 12.94
CA ALA A 169 -12.74 12.02 11.73
C ALA A 169 -11.25 12.13 12.06
N LEU A 170 -10.44 11.41 11.28
CA LEU A 170 -9.00 11.56 11.31
C LEU A 170 -8.41 11.62 9.90
N MET A 171 -7.23 12.23 9.78
CA MET A 171 -6.49 12.32 8.50
C MET A 171 -5.00 12.15 8.69
N SER A 172 -4.26 12.29 7.58
CA SER A 172 -2.83 12.11 7.51
C SER A 172 -2.16 13.43 7.80
N ALA A 173 -2.33 13.84 9.06
CA ALA A 173 -2.01 15.16 9.52
C ALA A 173 -2.07 15.16 11.03
N ILE A 174 -1.64 16.26 11.62
CA ILE A 174 -1.69 16.44 13.05
C ILE A 174 -3.08 16.96 13.40
N ARG A 175 -3.71 16.39 14.43
CA ARG A 175 -5.03 16.81 14.88
C ARG A 175 -4.93 18.21 15.42
N ASP A 176 -5.86 19.08 15.04
CA ASP A 176 -5.76 20.46 15.48
C ASP A 176 -7.05 21.02 16.11
N GLY A 177 -7.82 20.15 16.78
CA GLY A 177 -8.97 20.57 17.58
C GLY A 177 -10.28 20.15 16.95
N GLU A 178 -11.34 20.07 17.75
CA GLU A 178 -12.70 19.81 17.26
C GLU A 178 -13.65 20.88 17.83
N THR A 179 -14.73 21.17 17.11
CA THR A 179 -15.82 22.02 17.64
C THR A 179 -17.14 21.60 16.99
N PRO A 180 -18.27 21.92 17.64
CA PRO A 180 -19.55 21.69 16.98
C PRO A 180 -19.64 22.45 15.64
N ASP A 181 -20.37 21.90 14.67
CA ASP A 181 -20.59 22.59 13.39
C ASP A 181 -21.54 23.73 13.72
N PRO A 182 -21.12 24.97 13.42
CA PRO A 182 -22.03 26.14 13.58
C PRO A 182 -23.29 26.03 12.74
N GLU A 183 -23.19 25.42 11.57
CA GLU A 183 -24.36 25.33 10.68
C GLU A 183 -25.25 24.08 10.87
N ASP A 184 -25.07 23.32 11.97
CA ASP A 184 -25.80 22.07 12.16
C ASP A 184 -25.35 21.33 13.41
N PRO A 185 -26.10 21.45 14.52
CA PRO A 185 -25.67 21.01 15.85
C PRO A 185 -25.64 19.50 16.04
N SER A 186 -26.11 18.77 15.04
CA SER A 186 -25.94 17.33 15.04
C SER A 186 -24.52 16.90 14.54
N ARG A 187 -23.67 17.89 14.27
CA ARG A 187 -22.37 17.62 13.64
C ARG A 187 -21.23 18.28 14.38
N LYS A 188 -20.06 17.67 14.19
CA LYS A 188 -18.77 18.18 14.69
C LYS A 188 -17.87 18.53 13.50
N ILE A 189 -17.05 19.56 13.68
CA ILE A 189 -15.96 19.85 12.74
C ILE A 189 -14.58 19.47 13.33
N TYR A 190 -13.82 18.63 12.62
CA TYR A 190 -12.50 18.23 13.06
C TYR A 190 -11.51 18.95 12.18
N LYS A 191 -10.44 19.44 12.80
CA LYS A 191 -9.45 20.26 12.11
C LYS A 191 -8.08 19.58 12.07
N PHE A 192 -7.34 19.83 11.00
CA PHE A 192 -6.13 19.11 10.65
C PHE A 192 -5.09 20.02 9.99
N ILE A 193 -3.82 19.79 10.34
CA ILE A 193 -2.76 20.48 9.66
C ILE A 193 -1.62 19.53 9.28
N GLN A 194 -1.24 19.52 8.01
CA GLN A 194 -0.01 18.81 7.59
C GLN A 194 0.98 19.88 7.14
N LYS A 195 1.99 20.14 7.98
CA LYS A 195 3.01 21.22 7.84
C LYS A 195 4.22 20.76 6.99
N VAL A 196 4.28 19.46 6.72
CA VAL A 196 5.34 18.88 5.91
C VAL A 196 4.78 18.63 4.51
N PRO A 197 5.45 19.20 3.49
CA PRO A 197 5.00 19.08 2.11
C PRO A 197 4.96 17.63 1.69
N ILE A 198 3.86 17.23 1.07
CA ILE A 198 3.67 15.83 0.69
C ILE A 198 3.12 15.72 -0.74
N PRO A 199 3.41 14.59 -1.42
CA PRO A 199 2.63 14.31 -2.64
C PRO A 199 1.17 14.00 -2.26
N CYS A 200 0.21 14.30 -3.14
CA CYS A 200 -1.19 14.18 -2.78
C CYS A 200 -1.73 12.74 -2.64
N TYR A 201 -0.96 11.73 -3.08
CA TYR A 201 -1.40 10.36 -2.90
C TYR A 201 -1.37 10.01 -1.42
N LEU A 202 -0.73 10.89 -0.64
CA LEU A 202 -0.57 10.67 0.80
C LEU A 202 -1.72 11.30 1.61
N ILE A 203 -2.67 11.94 0.94
CA ILE A 203 -3.81 12.54 1.62
C ILE A 203 -4.76 11.41 2.02
N ALA A 204 -5.26 11.45 3.25
CA ALA A 204 -6.11 10.36 3.76
C ALA A 204 -7.15 10.86 4.74
N LEU A 205 -8.27 10.13 4.79
CA LEU A 205 -9.36 10.45 5.70
C LEU A 205 -10.10 9.18 6.17
N VAL A 206 -10.54 9.18 7.41
CA VAL A 206 -11.39 8.12 7.89
C VAL A 206 -12.42 8.80 8.79
N VAL A 207 -13.67 8.33 8.70
CA VAL A 207 -14.76 8.74 9.60
C VAL A 207 -15.47 7.51 10.10
N GLY A 208 -15.58 7.38 11.43
CA GLY A 208 -16.20 6.20 12.01
C GLY A 208 -16.28 6.35 13.50
N ALA A 209 -16.84 5.33 14.16
CA ALA A 209 -16.90 5.28 15.61
C ALA A 209 -15.57 4.80 16.19
N LEU A 210 -14.63 5.71 16.39
CA LEU A 210 -13.24 5.31 16.65
C LEU A 210 -12.86 5.60 18.07
N GLU A 211 -12.02 4.75 18.65
CA GLU A 211 -11.42 4.96 19.95
C GLU A 211 -9.92 4.80 19.84
N SER A 212 -9.18 5.28 20.81
CA SER A 212 -7.74 5.31 20.73
C SER A 212 -7.21 4.84 22.05
N ARG A 213 -6.05 4.20 21.97
CA ARG A 213 -5.36 3.79 23.15
C ARG A 213 -3.90 4.09 22.90
N GLN A 214 -3.23 4.71 23.86
CA GLN A 214 -1.83 5.02 23.63
C GLN A 214 -0.93 3.78 23.79
N ILE A 215 0.03 3.61 22.88
CA ILE A 215 0.96 2.48 22.98
C ILE A 215 2.43 2.84 22.95
N GLY A 216 2.77 4.12 22.74
CA GLY A 216 4.14 4.58 22.95
C GLY A 216 4.19 6.09 23.12
N PRO A 217 5.38 6.64 23.39
CA PRO A 217 5.46 8.11 23.63
C PRO A 217 4.87 9.01 22.52
N ARG A 218 4.68 8.45 21.33
CA ARG A 218 4.17 9.20 20.18
C ARG A 218 3.26 8.37 19.28
N THR A 219 2.55 7.39 19.86
CA THR A 219 1.72 6.50 19.06
C THR A 219 0.43 6.16 19.82
N LEU A 220 -0.70 6.42 19.21
CA LEU A 220 -1.99 5.94 19.65
C LEU A 220 -2.43 4.95 18.60
N VAL A 221 -3.07 3.84 19.01
CA VAL A 221 -3.82 2.99 18.05
C VAL A 221 -5.26 3.46 17.95
N TRP A 222 -5.80 3.57 16.73
CA TRP A 222 -7.20 3.90 16.55
C TRP A 222 -7.90 2.74 15.87
N SER A 223 -9.07 2.39 16.37
CA SER A 223 -10.00 1.52 15.68
C SER A 223 -11.34 1.48 16.40
N GLU A 224 -12.29 0.76 15.83
CA GLU A 224 -13.50 0.48 16.59
C GLU A 224 -13.18 -0.16 17.95
N LYS A 225 -13.98 0.24 18.94
CA LYS A 225 -14.01 -0.32 20.29
C LYS A 225 -13.59 -1.79 20.42
N GLU A 226 -14.20 -2.66 19.62
CA GLU A 226 -13.95 -4.08 19.71
C GLU A 226 -12.56 -4.54 19.23
N GLN A 227 -11.82 -3.68 18.50
CA GLN A 227 -10.46 -4.08 18.06
C GLN A 227 -9.28 -3.48 18.87
N VAL A 228 -9.59 -2.49 19.67
CA VAL A 228 -8.58 -1.68 20.35
C VAL A 228 -7.58 -2.48 21.18
N GLU A 229 -8.09 -3.39 22.01
CA GLU A 229 -7.27 -4.08 22.99
C GLU A 229 -6.28 -5.01 22.30
N LYS A 230 -6.82 -5.77 21.38
CA LYS A 230 -6.05 -6.66 20.55
C LYS A 230 -5.02 -5.93 19.73
N SER A 231 -5.37 -4.77 19.18
CA SER A 231 -4.44 -3.96 18.38
C SER A 231 -3.25 -3.37 19.18
N ALA A 232 -3.51 -2.98 20.43
CA ALA A 232 -2.50 -2.34 21.26
C ALA A 232 -1.39 -3.35 21.64
N TYR A 233 -1.78 -4.61 21.70
CA TYR A 233 -0.84 -5.69 21.99
C TYR A 233 -0.05 -6.07 20.73
N GLU A 234 -0.75 -6.27 19.62
CA GLU A 234 -0.14 -6.73 18.38
C GLU A 234 0.98 -5.81 17.94
N PHE A 235 0.76 -4.53 18.14
CA PHE A 235 1.65 -3.49 17.63
C PHE A 235 2.49 -2.78 18.70
N SER A 236 2.70 -3.43 19.84
CA SER A 236 3.41 -2.77 20.97
C SER A 236 4.87 -2.51 20.72
N GLU A 237 5.39 -3.03 19.63
CA GLU A 237 6.80 -2.86 19.38
C GLU A 237 7.03 -1.69 18.48
N THR A 238 5.98 -0.90 18.26
CA THR A 238 6.00 0.22 17.32
C THR A 238 7.06 1.30 17.63
N GLU A 239 7.03 1.86 18.84
CA GLU A 239 8.08 2.80 19.25
C GLU A 239 9.45 2.20 19.08
N SER A 240 9.60 0.92 19.37
CA SER A 240 10.96 0.44 19.37
C SER A 240 11.40 0.20 17.91
N MET A 241 10.47 -0.13 17.01
CA MET A 241 10.78 -0.07 15.57
C MET A 241 11.10 1.33 15.06
N LEU A 242 10.34 2.34 15.48
CA LEU A 242 10.60 3.73 15.06
C LEU A 242 12.03 4.17 15.47
N LYS A 243 12.38 3.92 16.73
CA LYS A 243 13.73 4.21 17.22
C LYS A 243 14.78 3.61 16.29
N ILE A 244 14.64 2.33 15.99
CA ILE A 244 15.57 1.73 15.04
C ILE A 244 15.56 2.42 13.65
N ALA A 245 14.39 2.80 13.15
CA ALA A 245 14.31 3.39 11.81
C ALA A 245 14.95 4.79 11.80
N GLU A 246 14.93 5.45 12.95
CA GLU A 246 15.57 6.76 13.10
C GLU A 246 17.09 6.66 13.07
N ASP A 247 17.64 5.65 13.71
CA ASP A 247 19.04 5.36 13.60
C ASP A 247 19.47 5.01 12.16
N LEU A 248 18.60 4.35 11.40
CA LEU A 248 18.90 3.99 10.01
C LEU A 248 18.74 5.16 9.05
N GLY A 249 17.65 5.89 9.14
CA GLY A 249 17.37 6.86 8.09
C GLY A 249 17.47 8.30 8.54
N GLY A 250 17.70 8.51 9.84
CA GLY A 250 17.71 9.89 10.39
C GLY A 250 16.42 10.25 11.14
N PRO A 251 16.30 11.49 11.57
CA PRO A 251 15.15 11.95 12.36
C PRO A 251 13.79 11.66 11.74
N TYR A 252 12.87 11.22 12.58
CA TYR A 252 11.48 11.17 12.25
C TYR A 252 10.90 12.61 12.32
N VAL A 253 10.55 13.16 11.16
CA VAL A 253 10.13 14.57 11.07
C VAL A 253 8.64 14.79 11.08
N TRP A 254 7.86 13.73 11.30
CA TRP A 254 6.41 13.86 11.09
C TRP A 254 5.60 14.15 12.37
N GLY A 255 6.28 14.21 13.52
CA GLY A 255 5.58 14.54 14.79
C GLY A 255 5.09 13.28 15.48
N GLN A 256 3.91 12.82 15.08
CA GLN A 256 3.19 11.67 15.64
C GLN A 256 3.36 10.43 14.70
N TYR A 257 3.40 9.23 15.27
CA TYR A 257 3.25 8.02 14.51
C TYR A 257 2.05 7.18 14.99
N ASP A 258 0.88 7.48 14.49
CA ASP A 258 -0.34 6.78 14.84
C ASP A 258 -0.66 5.64 13.87
N LEU A 259 -1.58 4.80 14.32
CA LEU A 259 -1.94 3.60 13.64
C LEU A 259 -3.44 3.50 13.62
N LEU A 260 -4.01 3.31 12.45
CA LEU A 260 -5.43 3.05 12.36
C LEU A 260 -5.63 1.66 11.91
N VAL A 261 -6.48 0.93 12.64
CA VAL A 261 -6.76 -0.42 12.24
C VAL A 261 -8.17 -0.39 11.67
N LEU A 262 -8.23 -0.72 10.39
CA LEU A 262 -9.40 -0.56 9.55
C LEU A 262 -10.33 -1.78 9.54
N PRO A 263 -11.58 -1.62 9.10
CA PRO A 263 -12.45 -2.81 8.90
C PRO A 263 -11.81 -3.73 7.85
N PRO A 264 -12.30 -4.99 7.76
CA PRO A 264 -11.50 -6.01 7.08
C PRO A 264 -11.41 -5.84 5.57
N SER A 265 -12.26 -4.98 5.01
CA SER A 265 -12.14 -4.71 3.56
C SER A 265 -11.02 -3.74 3.18
N PHE A 266 -10.24 -3.23 4.12
CA PHE A 266 -9.11 -2.43 3.68
C PHE A 266 -8.27 -3.26 2.69
N PRO A 267 -7.92 -2.70 1.52
CA PRO A 267 -7.37 -3.53 0.43
C PRO A 267 -5.91 -3.91 0.55
N TYR A 268 -5.20 -3.29 1.46
CA TYR A 268 -3.77 -3.50 1.57
C TYR A 268 -3.32 -3.83 2.96
N GLY A 269 -2.13 -4.41 3.03
CA GLY A 269 -1.53 -4.68 4.31
C GLY A 269 -1.37 -3.39 5.07
N GLY A 270 -0.90 -2.37 4.37
CA GLY A 270 -0.74 -1.08 4.98
C GLY A 270 -0.65 0.06 3.99
N MET A 271 -1.00 1.27 4.42
CA MET A 271 -0.76 2.47 3.61
C MET A 271 -0.12 3.54 4.48
N GLU A 272 1.04 3.99 4.02
CA GLU A 272 1.96 4.76 4.83
C GLU A 272 1.56 6.24 4.93
N ASN A 273 0.28 6.48 5.18
CA ASN A 273 -0.25 7.83 5.33
C ASN A 273 0.45 8.58 6.43
N PRO A 274 0.96 9.77 6.11
CA PRO A 274 1.81 10.47 7.10
C PRO A 274 1.06 10.80 8.39
N CYS A 275 1.71 10.55 9.54
CA CYS A 275 1.13 10.73 10.86
C CYS A 275 0.14 9.65 11.27
N LEU A 276 -0.40 8.92 10.30
CA LEU A 276 -1.44 7.95 10.61
C LEU A 276 -1.38 6.85 9.58
N THR A 277 -0.60 5.80 9.89
CA THR A 277 -0.50 4.62 9.02
C THR A 277 -1.80 3.80 9.13
N PHE A 278 -2.28 3.36 7.96
CA PHE A 278 -3.45 2.47 7.87
C PHE A 278 -2.99 1.00 7.71
N VAL A 279 -3.61 0.10 8.46
CA VAL A 279 -3.25 -1.29 8.40
C VAL A 279 -4.50 -2.17 8.22
N THR A 280 -4.30 -3.39 7.75
CA THR A 280 -5.38 -4.38 7.71
C THR A 280 -5.54 -5.03 9.08
N PRO A 281 -6.80 -5.33 9.47
CA PRO A 281 -7.03 -6.12 10.68
C PRO A 281 -6.51 -7.56 10.55
N THR A 282 -6.09 -7.94 9.34
CA THR A 282 -5.58 -9.28 9.15
C THR A 282 -4.20 -9.40 9.75
N LEU A 283 -3.60 -8.25 10.14
CA LEU A 283 -2.33 -8.24 10.86
C LEU A 283 -2.46 -8.76 12.29
N LEU A 284 -3.71 -8.84 12.78
CA LEU A 284 -4.01 -9.15 14.18
C LEU A 284 -3.94 -10.63 14.50
N ALA A 285 -2.73 -11.17 14.45
CA ALA A 285 -2.53 -12.63 14.62
C ALA A 285 -2.60 -13.14 16.07
N GLY A 286 -2.54 -12.25 17.05
CA GLY A 286 -2.46 -12.67 18.46
C GLY A 286 -1.06 -12.71 19.03
N ASP A 287 -0.06 -12.63 18.15
CA ASP A 287 1.31 -12.89 18.57
C ASP A 287 2.45 -11.99 17.99
N LYS A 288 2.10 -10.91 17.32
CA LYS A 288 3.07 -9.96 16.77
C LYS A 288 3.84 -10.48 15.56
N SER A 289 3.38 -11.60 14.98
CA SER A 289 4.18 -12.28 13.96
C SER A 289 4.15 -11.62 12.59
N LEU A 290 3.13 -10.79 12.33
CA LEU A 290 3.00 -10.08 11.06
C LEU A 290 3.50 -8.63 11.18
N SER A 291 4.34 -8.37 12.18
CA SER A 291 4.89 -7.03 12.42
C SER A 291 5.83 -6.50 11.35
N ASN A 292 6.36 -7.37 10.49
CA ASN A 292 7.18 -6.86 9.37
C ASN A 292 6.43 -5.72 8.69
N VAL A 293 5.11 -5.85 8.61
CA VAL A 293 4.26 -4.86 7.94
C VAL A 293 4.28 -3.47 8.56
N ILE A 294 4.29 -3.40 9.90
CA ILE A 294 4.50 -2.13 10.60
C ILE A 294 5.87 -1.50 10.28
N ALA A 295 6.92 -2.32 10.27
CA ALA A 295 8.29 -1.87 9.95
C ALA A 295 8.34 -1.31 8.53
N HIS A 296 7.68 -2.01 7.59
CA HIS A 296 7.44 -1.48 6.26
C HIS A 296 6.79 -0.06 6.31
N GLU A 297 5.68 0.07 7.03
CA GLU A 297 4.96 1.34 7.06
C GLU A 297 5.76 2.50 7.65
N ILE A 298 6.38 2.24 8.80
CA ILE A 298 7.30 3.12 9.46
C ILE A 298 8.43 3.58 8.54
N SER A 299 9.03 2.62 7.85
CA SER A 299 10.16 2.93 6.96
C SER A 299 9.80 3.94 5.87
N HIS A 300 8.58 3.85 5.33
CA HIS A 300 8.08 4.88 4.37
C HIS A 300 8.12 6.31 4.85
N SER A 301 8.28 6.51 6.17
CA SER A 301 8.39 7.86 6.71
C SER A 301 9.66 8.56 6.20
N TRP A 302 10.57 7.75 5.65
CA TRP A 302 11.74 8.22 4.92
C TRP A 302 11.64 7.90 3.42
N THR A 303 11.42 6.63 3.10
CA THR A 303 11.52 6.21 1.73
C THR A 303 10.13 6.19 1.08
N GLY A 304 9.85 7.25 0.32
CA GLY A 304 8.54 7.47 -0.28
C GLY A 304 7.80 8.69 0.27
N ASN A 305 7.69 8.82 1.58
CA ASN A 305 7.13 10.07 2.14
C ASN A 305 8.08 11.28 2.20
N LEU A 306 9.38 11.04 2.29
CA LEU A 306 10.42 12.15 2.28
C LEU A 306 11.09 12.24 0.92
N VAL A 307 11.66 11.13 0.46
CA VAL A 307 12.06 11.06 -0.95
C VAL A 307 10.95 10.29 -1.63
N THR A 308 10.36 10.89 -2.65
CA THR A 308 9.21 10.34 -3.31
C THR A 308 9.52 10.08 -4.77
N ASN A 309 8.90 9.03 -5.33
CA ASN A 309 9.00 8.76 -6.75
C ASN A 309 8.33 9.86 -7.53
N LYS A 310 8.96 10.29 -8.63
CA LYS A 310 8.53 11.45 -9.39
C LYS A 310 7.31 11.11 -10.21
N THR A 311 7.24 9.84 -10.63
CA THR A 311 6.10 9.34 -11.37
C THR A 311 6.01 7.89 -11.01
N TRP A 312 4.95 7.23 -11.46
CA TRP A 312 4.71 5.92 -10.94
C TRP A 312 5.55 4.87 -11.68
N ASP A 313 6.23 5.30 -12.75
CA ASP A 313 7.18 4.42 -13.42
C ASP A 313 8.34 4.09 -12.47
N HIS A 314 8.53 4.91 -11.44
CA HIS A 314 9.69 4.83 -10.56
C HIS A 314 9.33 4.35 -9.15
N PHE A 315 8.13 3.78 -9.02
CA PHE A 315 7.55 3.25 -7.78
C PHE A 315 8.52 2.37 -7.04
N TRP A 316 9.37 1.62 -7.79
CA TRP A 316 10.35 0.71 -7.18
C TRP A 316 11.29 1.47 -6.20
N LEU A 317 11.44 2.77 -6.38
CA LEU A 317 12.21 3.59 -5.49
C LEU A 317 11.51 3.67 -4.14
N ASN A 318 10.20 3.91 -4.15
CA ASN A 318 9.45 3.87 -2.92
C ASN A 318 9.65 2.50 -2.30
N GLU A 319 9.36 1.44 -3.07
CA GLU A 319 9.16 0.12 -2.43
C GLU A 319 10.44 -0.68 -2.14
N GLY A 320 11.36 -0.72 -3.09
CA GLY A 320 12.64 -1.32 -2.86
C GLY A 320 13.35 -0.78 -1.63
N HIS A 321 13.43 0.55 -1.48
CA HIS A 321 14.18 1.09 -0.32
C HIS A 321 13.41 0.81 0.99
N THR A 322 12.09 0.73 0.89
CA THR A 322 11.29 0.52 2.09
C THR A 322 11.46 -0.89 2.56
N VAL A 323 11.48 -1.84 1.62
CA VAL A 323 11.63 -3.25 1.97
C VAL A 323 13.06 -3.48 2.46
N TYR A 324 13.99 -2.74 1.87
CA TYR A 324 15.35 -2.79 2.31
C TYR A 324 15.43 -2.39 3.79
N LEU A 325 14.77 -1.31 4.18
CA LEU A 325 14.85 -0.79 5.57
C LEU A 325 14.03 -1.62 6.58
N GLU A 326 12.81 -1.99 6.17
CA GLU A 326 11.99 -2.98 6.85
C GLU A 326 12.79 -4.19 7.29
N ARG A 327 13.60 -4.71 6.37
CA ARG A 327 14.32 -5.96 6.64
C ARG A 327 15.49 -5.75 7.59
N HIS A 328 16.05 -4.53 7.57
CA HIS A 328 17.12 -4.17 8.47
C HIS A 328 16.57 -4.04 9.87
N ILE A 329 15.36 -3.47 9.94
CA ILE A 329 14.69 -3.32 11.22
C ILE A 329 14.46 -4.70 11.83
N CYS A 330 13.97 -5.63 11.01
CA CYS A 330 13.68 -6.97 11.44
C CYS A 330 15.00 -7.69 11.75
N GLY A 331 16.07 -7.35 11.03
CA GLY A 331 17.40 -7.84 11.38
C GLY A 331 17.97 -7.33 12.69
N ARG A 332 17.69 -6.09 13.05
CA ARG A 332 18.13 -5.57 14.36
C ARG A 332 17.37 -6.18 15.53
N LEU A 333 16.09 -6.42 15.33
CA LEU A 333 15.28 -6.89 16.44
C LEU A 333 15.58 -8.35 16.69
N PHE A 334 15.76 -9.09 15.59
CA PHE A 334 15.70 -10.56 15.63
C PHE A 334 16.94 -11.26 15.12
N GLY A 335 17.78 -10.54 14.38
CA GLY A 335 19.15 -11.02 14.08
C GLY A 335 19.45 -11.13 12.61
N GLU A 336 20.73 -11.12 12.24
CA GLU A 336 21.10 -11.08 10.82
C GLU A 336 20.60 -12.28 10.03
N LYS A 337 20.61 -13.46 10.64
CA LYS A 337 20.09 -14.66 9.93
C LYS A 337 18.59 -14.54 9.61
N PHE A 338 17.84 -13.86 10.48
CA PHE A 338 16.43 -13.58 10.21
C PHE A 338 16.25 -12.61 9.01
N ARG A 339 17.05 -11.55 8.95
CA ARG A 339 17.09 -10.71 7.75
C ARG A 339 17.31 -11.55 6.47
N HIS A 340 18.24 -12.51 6.51
CA HIS A 340 18.50 -13.33 5.35
C HIS A 340 17.32 -14.25 5.01
N PHE A 341 16.64 -14.77 6.05
CA PHE A 341 15.43 -15.59 5.90
C PHE A 341 14.34 -14.83 5.16
N ASN A 342 13.99 -13.64 5.68
CA ASN A 342 12.98 -12.82 5.00
C ASN A 342 13.39 -12.41 3.60
N ALA A 343 14.67 -12.14 3.38
CA ALA A 343 15.15 -11.74 2.06
C ALA A 343 14.98 -12.88 1.03
N LEU A 344 15.40 -14.07 1.42
CA LEU A 344 15.29 -15.27 0.56
C LEU A 344 13.83 -15.59 0.22
N GLY A 345 12.95 -15.45 1.23
CA GLY A 345 11.51 -15.56 1.08
C GLY A 345 11.00 -14.59 0.04
N GLY A 346 11.41 -13.34 0.20
CA GLY A 346 11.19 -12.30 -0.79
C GLY A 346 11.60 -12.71 -2.19
N TRP A 347 12.76 -13.33 -2.34
CA TRP A 347 13.19 -13.77 -3.67
C TRP A 347 12.18 -14.78 -4.25
N GLY A 348 11.63 -15.61 -3.36
CA GLY A 348 10.68 -16.69 -3.73
C GLY A 348 9.38 -16.06 -4.12
N GLU A 349 8.97 -14.98 -3.44
CA GLU A 349 7.81 -14.20 -3.87
C GLU A 349 8.01 -13.62 -5.28
N LEU A 350 9.24 -13.27 -5.62
CA LEU A 350 9.59 -12.71 -6.93
C LEU A 350 9.49 -13.74 -8.04
N GLN A 351 9.89 -14.97 -7.73
CA GLN A 351 9.73 -16.12 -8.66
C GLN A 351 8.24 -16.33 -8.98
N ASN A 352 7.40 -16.31 -7.94
CA ASN A 352 5.99 -16.47 -8.14
C ASN A 352 5.44 -15.38 -9.07
N SER A 353 5.77 -14.12 -8.80
CA SER A 353 5.21 -13.04 -9.59
C SER A 353 5.64 -13.09 -11.05
N VAL A 354 6.92 -13.41 -11.28
CA VAL A 354 7.45 -13.55 -12.64
C VAL A 354 6.93 -14.82 -13.32
N LYS A 355 6.51 -15.82 -12.56
CA LYS A 355 5.88 -16.97 -13.19
C LYS A 355 4.45 -16.65 -13.62
N THR A 356 3.69 -16.07 -12.70
CA THR A 356 2.34 -15.56 -12.94
C THR A 356 2.21 -14.65 -14.16
N PHE A 357 3.07 -13.64 -14.31
CA PHE A 357 2.89 -12.70 -15.38
C PHE A 357 3.49 -13.27 -16.68
N GLY A 358 4.56 -14.05 -16.54
CA GLY A 358 5.37 -14.47 -17.68
C GLY A 358 6.63 -13.63 -17.74
N GLU A 359 7.75 -14.28 -18.03
CA GLU A 359 9.05 -13.70 -17.77
C GLU A 359 9.46 -12.58 -18.72
N THR A 360 8.63 -12.36 -19.74
CA THR A 360 8.86 -11.30 -20.68
C THR A 360 7.78 -10.24 -20.56
N HIS A 361 6.91 -10.42 -19.58
CA HIS A 361 5.86 -9.43 -19.29
C HIS A 361 6.43 -8.09 -18.92
N PRO A 362 5.91 -7.04 -19.56
CA PRO A 362 6.41 -5.70 -19.25
C PRO A 362 6.29 -5.28 -17.78
N PHE A 363 5.36 -5.86 -17.02
CA PHE A 363 5.20 -5.50 -15.62
C PHE A 363 6.24 -6.16 -14.72
N THR A 364 7.11 -6.99 -15.30
CA THR A 364 8.19 -7.60 -14.49
C THR A 364 9.45 -6.82 -14.68
N LYS A 365 9.34 -5.70 -15.40
CA LYS A 365 10.44 -4.72 -15.44
C LYS A 365 10.47 -3.93 -14.13
N LEU A 366 11.66 -3.58 -13.67
CA LEU A 366 11.81 -2.78 -12.47
C LEU A 366 11.28 -1.40 -12.72
N VAL A 367 11.80 -0.71 -13.73
CA VAL A 367 11.17 0.52 -14.15
C VAL A 367 10.16 0.16 -15.22
N VAL A 368 8.92 0.55 -15.06
CA VAL A 368 7.93 0.27 -16.11
C VAL A 368 7.45 1.54 -16.83
N ASP A 369 6.70 1.34 -17.89
CA ASP A 369 6.13 2.46 -18.60
C ASP A 369 4.63 2.34 -18.43
N LEU A 370 4.09 3.19 -17.53
CA LEU A 370 2.66 3.15 -17.20
C LEU A 370 1.74 3.91 -18.17
N THR A 371 2.29 4.33 -19.30
CA THR A 371 1.50 4.90 -20.42
C THR A 371 0.33 3.98 -20.78
N ASP A 372 -0.89 4.48 -20.61
CA ASP A 372 -2.11 3.73 -20.89
C ASP A 372 -2.38 2.51 -19.99
N ILE A 373 -1.62 2.36 -18.91
CA ILE A 373 -1.86 1.28 -17.96
C ILE A 373 -2.47 1.84 -16.67
N ASP A 374 -3.58 1.26 -16.21
CA ASP A 374 -4.07 1.58 -14.88
C ASP A 374 -3.06 1.01 -13.84
N PRO A 375 -2.44 1.88 -13.02
CA PRO A 375 -1.47 1.41 -12.04
C PRO A 375 -2.04 0.27 -11.18
N ASP A 376 -3.33 0.27 -10.87
CA ASP A 376 -3.94 -0.81 -10.08
C ASP A 376 -3.88 -2.18 -10.80
N VAL A 377 -3.75 -2.17 -12.13
CA VAL A 377 -3.65 -3.40 -12.90
C VAL A 377 -2.22 -3.88 -12.92
N ALA A 378 -1.28 -2.92 -12.86
CA ALA A 378 0.14 -3.25 -12.91
C ALA A 378 0.72 -3.64 -11.52
N TYR A 379 -0.01 -3.39 -10.45
CA TYR A 379 0.54 -3.51 -9.12
C TYR A 379 0.84 -4.95 -8.74
N SER A 380 2.04 -5.22 -8.24
CA SER A 380 2.39 -6.55 -7.70
C SER A 380 3.67 -6.44 -6.87
N SER A 381 4.28 -7.59 -6.56
CA SER A 381 5.45 -7.70 -5.69
C SER A 381 6.73 -7.34 -6.42
N VAL A 382 6.66 -7.29 -7.75
CA VAL A 382 7.84 -7.03 -8.51
C VAL A 382 8.60 -5.78 -8.01
N PRO A 383 7.97 -4.60 -7.97
CA PRO A 383 8.75 -3.43 -7.56
C PRO A 383 9.30 -3.57 -6.14
N TYR A 384 8.62 -4.33 -5.28
CA TYR A 384 9.07 -4.59 -3.89
C TYR A 384 10.27 -5.54 -3.90
N GLU A 385 10.08 -6.72 -4.48
CA GLU A 385 11.09 -7.74 -4.34
C GLU A 385 12.21 -7.65 -5.38
N LYS A 386 11.91 -7.14 -6.57
CA LYS A 386 12.98 -6.94 -7.52
C LYS A 386 13.80 -5.72 -7.07
N GLY A 387 13.14 -4.66 -6.62
CA GLY A 387 13.86 -3.52 -6.07
C GLY A 387 14.66 -3.89 -4.82
N PHE A 388 14.08 -4.67 -3.93
CA PHE A 388 14.84 -5.06 -2.77
C PHE A 388 16.04 -5.94 -3.22
N ALA A 389 15.79 -6.87 -4.13
CA ALA A 389 16.84 -7.71 -4.69
C ALA A 389 18.01 -6.89 -5.27
N LEU A 390 17.74 -5.83 -6.02
CA LEU A 390 18.84 -4.96 -6.50
C LEU A 390 19.69 -4.38 -5.36
N LEU A 391 19.02 -3.92 -4.32
CA LEU A 391 19.70 -3.22 -3.25
C LEU A 391 20.53 -4.19 -2.41
N PHE A 392 19.98 -5.39 -2.19
CA PHE A 392 20.70 -6.45 -1.51
C PHE A 392 21.93 -6.86 -2.34
N TYR A 393 21.77 -7.06 -3.65
CA TYR A 393 22.92 -7.30 -4.54
C TYR A 393 24.00 -6.21 -4.43
N LEU A 394 23.56 -4.96 -4.42
CA LEU A 394 24.49 -3.85 -4.38
C LEU A 394 25.19 -3.83 -3.03
N GLU A 395 24.46 -4.16 -1.95
CA GLU A 395 25.01 -4.23 -0.59
C GLU A 395 26.18 -5.22 -0.49
N GLN A 396 25.99 -6.44 -1.00
CA GLN A 396 27.05 -7.45 -0.97
C GLN A 396 28.22 -7.04 -1.88
N LEU A 397 27.92 -6.27 -2.91
CA LEU A 397 28.89 -5.89 -3.94
C LEU A 397 29.78 -4.74 -3.41
N LEU A 398 29.19 -3.87 -2.60
CA LEU A 398 29.86 -2.64 -2.22
C LEU A 398 30.56 -2.73 -0.84
N GLY A 399 30.38 -3.85 -0.16
CA GLY A 399 31.17 -4.11 1.06
C GLY A 399 30.36 -4.37 2.30
N GLY A 400 29.04 -4.49 2.16
CA GLY A 400 28.23 -4.98 3.28
C GLY A 400 27.14 -4.05 3.74
N PRO A 401 26.36 -4.53 4.71
CA PRO A 401 25.22 -3.79 5.26
C PRO A 401 25.59 -2.44 5.89
N GLU A 402 26.65 -2.38 6.68
CA GLU A 402 27.00 -1.14 7.41
C GLU A 402 27.38 -0.03 6.42
N ILE A 403 28.07 -0.43 5.35
CA ILE A 403 28.43 0.49 4.28
C ILE A 403 27.22 0.92 3.44
N PHE A 404 26.38 -0.04 3.06
CA PHE A 404 25.21 0.35 2.24
C PHE A 404 24.20 1.20 3.03
N LEU A 405 24.25 1.09 4.35
CA LEU A 405 23.33 1.87 5.18
C LEU A 405 23.76 3.30 5.29
N GLY A 406 25.08 3.55 5.23
CA GLY A 406 25.65 4.91 5.10
C GLY A 406 25.12 5.59 3.84
N PHE A 407 25.06 4.84 2.75
CA PHE A 407 24.48 5.33 1.49
C PHE A 407 22.96 5.60 1.60
N LEU A 408 22.22 4.68 2.19
CA LEU A 408 20.79 4.88 2.39
C LEU A 408 20.53 6.11 3.24
N LYS A 409 21.21 6.26 4.37
CA LYS A 409 21.06 7.51 5.12
C LYS A 409 21.42 8.76 4.30
N ALA A 410 22.50 8.71 3.54
CA ALA A 410 22.91 9.92 2.82
C ALA A 410 21.96 10.22 1.68
N TYR A 411 21.40 9.15 1.12
CA TYR A 411 20.43 9.23 0.05
C TYR A 411 19.15 9.88 0.55
N VAL A 412 18.75 9.54 1.77
CA VAL A 412 17.59 10.18 2.34
C VAL A 412 17.80 11.69 2.57
N GLU A 413 18.98 12.09 3.08
CA GLU A 413 19.30 13.52 3.36
C GLU A 413 19.37 14.31 2.06
N LYS A 414 19.99 13.68 1.05
CA LYS A 414 20.11 14.28 -0.26
C LYS A 414 18.75 14.66 -0.87
N PHE A 415 17.81 13.74 -0.84
CA PHE A 415 16.62 13.91 -1.64
C PHE A 415 15.36 14.16 -0.82
N SER A 416 15.53 14.48 0.46
CA SER A 416 14.42 14.79 1.34
C SER A 416 13.59 15.92 0.76
N TYR A 417 12.25 15.75 0.80
CA TYR A 417 11.26 16.74 0.36
C TYR A 417 11.23 16.92 -1.15
N LYS A 418 11.97 16.09 -1.86
CA LYS A 418 11.93 16.12 -3.33
C LYS A 418 11.22 14.89 -3.89
N SER A 419 11.01 14.91 -5.19
CA SER A 419 10.56 13.76 -5.93
C SER A 419 11.65 13.42 -6.96
N ILE A 420 11.98 12.14 -7.12
CA ILE A 420 13.07 11.75 -7.98
C ILE A 420 12.77 10.61 -8.96
N THR A 421 13.65 10.48 -9.97
CA THR A 421 13.61 9.38 -10.94
C THR A 421 14.69 8.39 -10.61
N THR A 422 14.64 7.26 -11.30
CA THR A 422 15.69 6.26 -11.23
C THR A 422 17.09 6.79 -11.60
N ASP A 423 17.20 7.69 -12.58
CA ASP A 423 18.50 8.31 -12.89
C ASP A 423 19.01 9.21 -11.76
N ASP A 424 18.13 9.95 -11.08
CA ASP A 424 18.55 10.72 -9.92
C ASP A 424 19.14 9.74 -8.91
N TRP A 425 18.49 8.59 -8.73
CA TRP A 425 18.94 7.64 -7.74
C TRP A 425 20.30 7.11 -8.10
N LYS A 426 20.47 6.69 -9.35
CA LYS A 426 21.72 6.13 -9.87
C LYS A 426 22.92 7.12 -9.94
N ASP A 427 22.66 8.38 -10.31
CA ASP A 427 23.66 9.44 -10.27
C ASP A 427 24.16 9.63 -8.83
N PHE A 428 23.24 9.76 -7.89
CA PHE A 428 23.66 9.83 -6.50
C PHE A 428 24.45 8.60 -6.03
N LEU A 429 24.01 7.40 -6.45
CA LEU A 429 24.71 6.14 -6.10
C LEU A 429 26.18 6.17 -6.59
N TYR A 430 26.37 6.60 -7.85
CA TYR A 430 27.70 6.84 -8.44
C TYR A 430 28.53 7.95 -7.74
N SER A 431 27.88 8.99 -7.25
CA SER A 431 28.62 10.03 -6.51
C SER A 431 29.10 9.56 -5.13
N TYR A 432 28.20 8.91 -4.39
CA TYR A 432 28.50 8.46 -3.06
C TYR A 432 29.57 7.36 -3.04
N PHE A 433 29.51 6.46 -4.00
CA PHE A 433 30.51 5.43 -4.10
C PHE A 433 31.52 5.76 -5.16
N LYS A 434 31.85 7.04 -5.36
CA LYS A 434 32.78 7.39 -6.46
C LYS A 434 34.13 6.64 -6.45
N ASP A 435 34.56 6.22 -5.27
CA ASP A 435 35.75 5.39 -5.15
C ASP A 435 35.52 3.92 -5.53
N LYS A 436 34.32 3.58 -5.95
CA LYS A 436 33.97 2.20 -6.28
C LYS A 436 33.21 2.15 -7.59
N VAL A 437 33.46 3.14 -8.42
CA VAL A 437 32.86 3.26 -9.74
C VAL A 437 33.15 2.01 -10.58
N ASP A 438 34.29 1.36 -10.32
CA ASP A 438 34.70 0.22 -11.12
C ASP A 438 33.86 -1.00 -10.75
N VAL A 439 33.62 -1.18 -9.45
CA VAL A 439 32.66 -2.18 -8.99
C VAL A 439 31.26 -1.90 -9.53
N LEU A 440 30.80 -0.65 -9.45
CA LEU A 440 29.51 -0.24 -10.02
C LEU A 440 29.33 -0.58 -11.50
N ASN A 441 30.38 -0.45 -12.29
CA ASN A 441 30.28 -0.75 -13.72
C ASN A 441 30.22 -2.22 -14.07
N GLN A 442 30.40 -3.12 -13.11
CA GLN A 442 30.23 -4.54 -13.43
C GLN A 442 28.77 -4.94 -13.36
N VAL A 443 27.93 -4.08 -12.75
CA VAL A 443 26.48 -4.23 -12.78
C VAL A 443 25.95 -4.03 -14.18
N ASP A 444 25.07 -4.93 -14.57
CA ASP A 444 24.32 -4.84 -15.82
C ASP A 444 23.04 -4.00 -15.59
N TRP A 445 23.22 -2.69 -15.62
CA TRP A 445 22.15 -1.69 -15.42
C TRP A 445 20.95 -1.86 -16.33
N ASN A 446 21.22 -2.05 -17.62
CA ASN A 446 20.14 -2.17 -18.56
C ASN A 446 19.26 -3.39 -18.28
N ALA A 447 19.84 -4.45 -17.72
CA ALA A 447 19.09 -5.64 -17.38
C ALA A 447 18.26 -5.44 -16.09
N TRP A 448 18.96 -5.09 -15.01
CA TRP A 448 18.36 -4.86 -13.72
C TRP A 448 17.21 -3.86 -13.81
N LEU A 449 17.40 -2.74 -14.50
CA LEU A 449 16.38 -1.70 -14.51
C LEU A 449 15.27 -1.93 -15.55
N TYR A 450 15.62 -2.44 -16.73
CA TYR A 450 14.71 -2.34 -17.90
C TYR A 450 14.31 -3.67 -18.57
N SER A 451 14.97 -4.75 -18.22
CA SER A 451 14.63 -6.03 -18.79
C SER A 451 13.58 -6.73 -17.92
N PRO A 452 12.66 -7.50 -18.57
CA PRO A 452 11.66 -8.28 -17.85
C PRO A 452 12.30 -9.51 -17.23
N GLY A 453 11.56 -10.16 -16.34
CA GLY A 453 11.97 -11.45 -15.80
C GLY A 453 12.78 -11.33 -14.52
N LEU A 454 13.26 -12.48 -14.03
CA LEU A 454 14.10 -12.55 -12.84
C LEU A 454 15.38 -11.73 -13.08
N PRO A 455 15.92 -11.12 -12.03
CA PRO A 455 17.10 -10.32 -12.23
C PRO A 455 18.23 -11.25 -12.73
N PRO A 456 19.30 -10.68 -13.33
CA PRO A 456 20.30 -11.57 -13.96
C PRO A 456 21.34 -12.14 -12.98
N ILE A 457 21.29 -11.72 -11.72
CA ILE A 457 22.16 -12.30 -10.71
C ILE A 457 21.35 -12.43 -9.42
N LYS A 458 21.54 -13.54 -8.75
CA LYS A 458 20.87 -13.79 -7.50
C LYS A 458 21.86 -13.50 -6.38
N PRO A 459 21.48 -12.66 -5.40
CA PRO A 459 22.40 -12.42 -4.27
C PRO A 459 22.74 -13.70 -3.52
N ASN A 460 23.62 -13.61 -2.53
CA ASN A 460 23.92 -14.74 -1.64
C ASN A 460 23.00 -14.64 -0.45
N TYR A 461 22.55 -15.79 0.05
CA TYR A 461 21.61 -15.79 1.16
C TYR A 461 22.05 -16.77 2.25
N ASP A 462 22.17 -16.31 3.51
CA ASP A 462 22.30 -17.28 4.58
C ASP A 462 21.05 -18.16 4.58
N MET A 463 21.24 -19.49 4.59
CA MET A 463 20.16 -20.47 4.47
C MET A 463 19.81 -21.09 5.80
N THR A 464 20.46 -20.64 6.86
CA THR A 464 20.32 -21.33 8.12
C THR A 464 18.87 -21.61 8.53
N LEU A 465 18.02 -20.58 8.49
CA LEU A 465 16.65 -20.71 9.02
C LEU A 465 15.72 -21.31 8.00
N THR A 466 16.10 -21.22 6.74
CA THR A 466 15.29 -21.72 5.65
C THR A 466 15.43 -23.23 5.46
N ASN A 467 16.60 -23.81 5.78
CA ASN A 467 16.85 -25.24 5.48
C ASN A 467 15.79 -26.22 5.97
N ALA A 468 15.47 -26.13 7.26
CA ALA A 468 14.43 -26.98 7.88
C ALA A 468 13.09 -26.91 7.13
N CYS A 469 12.76 -25.74 6.55
CA CYS A 469 11.55 -25.55 5.75
C CYS A 469 11.57 -26.28 4.43
N ILE A 470 12.68 -26.10 3.73
CA ILE A 470 12.93 -26.83 2.49
C ILE A 470 12.99 -28.33 2.72
N ALA A 471 13.58 -28.73 3.85
CA ALA A 471 13.73 -30.14 4.13
C ALA A 471 12.36 -30.73 4.25
N LEU A 472 11.51 -30.12 5.07
CA LEU A 472 10.19 -30.71 5.34
C LEU A 472 9.26 -30.69 4.08
N SER A 473 9.47 -29.65 3.27
CA SER A 473 8.70 -29.46 2.07
C SER A 473 9.04 -30.56 1.04
N GLN A 474 10.34 -30.81 0.89
CA GLN A 474 10.84 -31.91 0.06
C GLN A 474 10.38 -33.30 0.59
N ARG A 475 10.34 -33.49 1.90
CA ARG A 475 9.76 -34.75 2.38
C ARG A 475 8.35 -34.94 1.83
N TRP A 476 7.51 -33.89 1.90
CA TRP A 476 6.10 -34.01 1.49
C TRP A 476 5.96 -34.27 -0.02
N ILE A 477 6.75 -33.56 -0.81
CA ILE A 477 6.71 -33.62 -2.25
C ILE A 477 7.21 -34.97 -2.83
N THR A 478 8.31 -35.49 -2.28
CA THR A 478 8.86 -36.80 -2.69
C THR A 478 8.14 -38.01 -2.08
N ALA A 479 7.24 -37.78 -1.15
CA ALA A 479 6.60 -38.87 -0.44
C ALA A 479 5.59 -39.61 -1.33
N LYS A 480 5.58 -40.93 -1.23
CA LYS A 480 4.49 -41.74 -1.81
C LYS A 480 3.52 -42.17 -0.71
N GLU A 481 2.42 -42.80 -1.12
CA GLU A 481 1.40 -43.28 -0.19
C GLU A 481 1.99 -43.89 1.06
N ASP A 482 2.96 -44.78 0.89
CA ASP A 482 3.42 -45.54 2.03
C ASP A 482 4.44 -44.79 2.92
N ASP A 483 4.64 -43.51 2.60
CA ASP A 483 5.46 -42.58 3.38
C ASP A 483 4.61 -41.64 4.25
N LEU A 484 3.29 -41.61 4.02
CA LEU A 484 2.44 -40.60 4.67
C LEU A 484 2.29 -40.83 6.16
N ASN A 485 2.38 -42.11 6.53
CA ASN A 485 2.33 -42.53 7.93
C ASN A 485 3.42 -41.91 8.83
N SER A 486 4.54 -41.55 8.23
CA SER A 486 5.71 -41.11 8.98
C SER A 486 5.65 -39.61 9.32
N PHE A 487 4.76 -38.87 8.66
CA PHE A 487 4.50 -37.49 9.04
C PHE A 487 3.75 -37.41 10.34
N ASN A 488 4.19 -36.47 11.15
CA ASN A 488 3.70 -36.41 12.51
C ASN A 488 3.76 -34.97 13.02
N ALA A 489 2.86 -34.62 13.92
CA ALA A 489 2.80 -33.30 14.54
C ALA A 489 4.16 -32.79 15.06
N THR A 490 5.04 -33.70 15.43
CA THR A 490 6.34 -33.29 15.96
C THR A 490 7.28 -32.75 14.87
N ASP A 491 6.84 -32.82 13.61
CA ASP A 491 7.66 -32.29 12.51
C ASP A 491 7.73 -30.76 12.67
N LEU A 492 6.66 -30.16 13.20
CA LEU A 492 6.49 -28.69 13.35
C LEU A 492 7.14 -28.17 14.61
N LYS A 493 7.62 -29.10 15.42
CA LYS A 493 8.17 -28.86 16.75
C LYS A 493 9.00 -27.57 16.85
N ASP A 494 10.03 -27.45 16.03
CA ASP A 494 11.00 -26.40 16.19
C ASP A 494 10.91 -25.35 15.10
N LEU A 495 9.71 -25.18 14.53
CA LEU A 495 9.48 -24.13 13.53
C LEU A 495 8.74 -22.97 14.14
N SER A 496 9.24 -21.76 13.97
CA SER A 496 8.43 -20.58 14.23
C SER A 496 7.26 -20.51 13.24
N SER A 497 6.29 -19.61 13.49
CA SER A 497 5.21 -19.38 12.54
C SER A 497 5.77 -18.96 11.19
N HIS A 498 6.87 -18.22 11.24
CA HIS A 498 7.50 -17.80 10.01
C HIS A 498 8.01 -18.95 9.15
N GLN A 499 8.61 -19.94 9.81
CA GLN A 499 9.17 -21.11 9.13
C GLN A 499 8.06 -22.05 8.63
N LEU A 500 6.96 -22.10 9.38
CA LEU A 500 5.70 -22.74 9.01
C LEU A 500 5.08 -22.08 7.77
N ASN A 501 5.07 -20.75 7.75
CA ASN A 501 4.71 -20.02 6.56
C ASN A 501 5.65 -20.31 5.39
N GLU A 502 6.96 -20.39 5.63
CA GLU A 502 7.88 -20.68 4.50
C GLU A 502 7.75 -22.15 4.03
N PHE A 503 7.47 -23.03 4.98
CA PHE A 503 7.19 -24.39 4.64
C PHE A 503 6.08 -24.46 3.59
N LEU A 504 4.96 -23.79 3.86
CA LEU A 504 3.82 -23.83 2.95
C LEU A 504 4.08 -23.17 1.60
N ALA A 505 4.78 -22.05 1.64
CA ALA A 505 5.19 -21.25 0.50
C ALA A 505 6.05 -22.06 -0.45
N GLN A 506 7.05 -22.75 0.12
CA GLN A 506 7.86 -23.76 -0.59
C GLN A 506 6.96 -24.79 -1.23
N THR A 507 5.98 -25.30 -0.48
CA THR A 507 5.15 -26.40 -0.96
C THR A 507 4.16 -25.90 -2.01
N LEU A 508 3.46 -24.78 -1.71
CA LEU A 508 2.61 -24.10 -2.67
C LEU A 508 3.24 -23.89 -4.05
N GLN A 509 4.57 -23.65 -4.11
CA GLN A 509 5.25 -23.43 -5.40
C GLN A 509 5.27 -24.66 -6.32
N ARG A 510 5.05 -25.85 -5.75
CA ARG A 510 5.08 -27.12 -6.51
C ARG A 510 3.68 -27.73 -6.56
N ALA A 511 2.69 -26.97 -6.10
CA ALA A 511 1.30 -27.42 -6.18
C ALA A 511 0.86 -27.65 -7.63
N PRO A 512 -0.06 -28.60 -7.87
CA PRO A 512 -0.78 -29.42 -6.86
C PRO A 512 0.04 -30.55 -6.29
N LEU A 513 -0.34 -31.01 -5.09
CA LEU A 513 0.11 -32.28 -4.51
C LEU A 513 -1.03 -33.30 -4.54
N PRO A 514 -0.72 -34.60 -4.40
CA PRO A 514 -1.94 -35.45 -4.42
C PRO A 514 -2.82 -35.08 -3.25
N LEU A 515 -4.11 -35.29 -3.44
CA LEU A 515 -5.16 -35.03 -2.48
C LEU A 515 -4.93 -35.75 -1.17
N GLY A 516 -4.41 -36.98 -1.27
CA GLY A 516 -4.15 -37.81 -0.09
C GLY A 516 -3.09 -37.20 0.84
N HIS A 517 -2.03 -36.66 0.23
CA HIS A 517 -1.04 -35.87 0.95
C HIS A 517 -1.67 -34.70 1.74
N ILE A 518 -2.46 -33.88 1.06
CA ILE A 518 -3.11 -32.71 1.67
C ILE A 518 -4.04 -33.15 2.81
N LYS A 519 -4.84 -34.19 2.58
CA LYS A 519 -5.66 -34.73 3.66
C LYS A 519 -4.79 -35.16 4.80
N ARG A 520 -3.66 -35.82 4.50
CA ARG A 520 -2.79 -36.29 5.59
C ARG A 520 -2.15 -35.13 6.34
N MET A 521 -1.79 -34.09 5.60
CA MET A 521 -1.25 -32.86 6.22
C MET A 521 -2.24 -32.27 7.21
N GLN A 522 -3.51 -32.21 6.82
CA GLN A 522 -4.51 -31.73 7.77
C GLN A 522 -4.68 -32.70 8.94
N GLU A 523 -4.55 -34.00 8.66
CA GLU A 523 -4.71 -34.99 9.72
C GLU A 523 -3.72 -34.78 10.85
N VAL A 524 -2.48 -34.48 10.50
CA VAL A 524 -1.34 -34.46 11.42
C VAL A 524 -0.86 -33.08 11.88
N TYR A 525 -1.15 -32.04 11.09
CA TYR A 525 -0.72 -30.70 11.46
C TYR A 525 -1.90 -29.79 11.79
N ASN A 526 -3.12 -30.29 11.61
CA ASN A 526 -4.32 -29.49 11.83
C ASN A 526 -4.10 -28.01 11.43
N PHE A 527 -3.81 -27.78 10.14
CA PHE A 527 -3.70 -26.38 9.62
C PHE A 527 -5.07 -25.69 9.57
N ASN A 528 -6.15 -26.47 9.58
CA ASN A 528 -7.46 -25.84 9.62
C ASN A 528 -7.66 -24.96 10.87
N ALA A 529 -6.86 -25.18 11.91
CA ALA A 529 -7.06 -24.47 13.19
C ALA A 529 -6.25 -23.17 13.26
N ILE A 530 -5.30 -22.99 12.35
CA ILE A 530 -4.43 -21.83 12.39
C ILE A 530 -5.18 -20.59 11.90
N ASN A 531 -5.11 -19.53 12.71
CA ASN A 531 -5.85 -18.31 12.41
C ASN A 531 -4.92 -17.25 11.79
N ASN A 532 -3.60 -17.47 11.92
CA ASN A 532 -2.61 -16.61 11.27
C ASN A 532 -2.97 -16.48 9.79
N SER A 533 -3.20 -15.25 9.34
CA SER A 533 -3.78 -15.04 8.04
C SER A 533 -2.79 -15.34 6.91
N GLU A 534 -1.51 -15.13 7.14
CA GLU A 534 -0.54 -15.51 6.09
C GLU A 534 -0.51 -17.03 5.89
N ILE A 535 -0.42 -17.76 7.00
CA ILE A 535 -0.40 -19.19 6.94
C ILE A 535 -1.74 -19.72 6.36
N ARG A 536 -2.85 -19.19 6.86
CA ARG A 536 -4.12 -19.76 6.44
C ARG A 536 -4.32 -19.63 4.93
N PHE A 537 -3.97 -18.46 4.41
CA PHE A 537 -3.93 -18.14 2.99
C PHE A 537 -3.19 -19.19 2.17
N ARG A 538 -1.92 -19.41 2.49
CA ARG A 538 -1.14 -20.39 1.74
C ARG A 538 -1.75 -21.81 1.82
N TRP A 539 -2.25 -22.17 2.99
CA TRP A 539 -2.86 -23.44 3.24
C TRP A 539 -4.12 -23.64 2.42
N LEU A 540 -5.01 -22.65 2.43
CA LEU A 540 -6.23 -22.80 1.64
C LEU A 540 -5.93 -22.86 0.15
N ARG A 541 -4.97 -22.06 -0.30
CA ARG A 541 -4.51 -22.10 -1.67
C ARG A 541 -4.05 -23.50 -2.03
N LEU A 542 -3.08 -24.03 -1.28
CA LEU A 542 -2.62 -25.41 -1.46
C LEU A 542 -3.78 -26.41 -1.54
N CYS A 543 -4.69 -26.41 -0.54
CA CYS A 543 -5.87 -27.25 -0.58
C CYS A 543 -6.76 -27.07 -1.83
N ILE A 544 -6.95 -25.83 -2.29
CA ILE A 544 -7.80 -25.63 -3.43
C ILE A 544 -7.11 -26.09 -4.74
N GLN A 545 -5.79 -25.84 -4.86
CA GLN A 545 -5.10 -26.23 -6.11
C GLN A 545 -4.82 -27.75 -6.17
N SER A 546 -4.79 -28.38 -5.02
CA SER A 546 -4.70 -29.82 -4.96
C SER A 546 -6.09 -30.50 -4.92
N LYS A 547 -7.12 -29.71 -5.20
CA LYS A 547 -8.51 -30.19 -5.43
C LYS A 547 -9.27 -30.75 -4.21
N TRP A 548 -9.01 -30.23 -3.03
CA TRP A 548 -9.76 -30.68 -1.87
C TRP A 548 -11.07 -29.92 -1.69
N GLU A 549 -12.19 -30.57 -1.99
CA GLU A 549 -13.53 -29.95 -1.96
C GLU A 549 -13.95 -29.40 -0.58
N ASP A 550 -13.47 -30.05 0.48
CA ASP A 550 -13.72 -29.61 1.84
C ASP A 550 -13.17 -28.18 2.01
N ALA A 551 -12.09 -27.85 1.33
CA ALA A 551 -11.52 -26.51 1.43
C ALA A 551 -12.40 -25.40 0.77
N ILE A 552 -13.34 -25.78 -0.09
CA ILE A 552 -14.14 -24.76 -0.79
C ILE A 552 -14.86 -23.75 0.13
N PRO A 553 -15.77 -24.20 1.02
CA PRO A 553 -16.37 -23.21 1.94
C PRO A 553 -15.33 -22.40 2.74
N LEU A 554 -14.23 -23.02 3.14
CA LEU A 554 -13.22 -22.33 3.96
C LEU A 554 -12.54 -21.21 3.20
N ALA A 555 -12.24 -21.47 1.94
CA ALA A 555 -11.60 -20.45 1.10
C ALA A 555 -12.58 -19.33 0.62
N LEU A 556 -13.85 -19.70 0.38
CA LEU A 556 -14.87 -18.70 0.04
C LEU A 556 -15.06 -17.73 1.20
N LYS A 557 -15.06 -18.27 2.42
CA LYS A 557 -15.25 -17.48 3.63
C LYS A 557 -14.11 -16.46 3.79
N MET A 558 -12.86 -16.93 3.82
CA MET A 558 -11.72 -16.00 3.94
C MET A 558 -11.70 -14.98 2.80
N ALA A 559 -12.03 -15.40 1.59
CA ALA A 559 -11.97 -14.50 0.44
C ALA A 559 -12.89 -13.30 0.59
N THR A 560 -13.97 -13.50 1.34
CA THR A 560 -15.06 -12.52 1.44
C THR A 560 -15.19 -11.90 2.83
N GLU A 561 -14.71 -12.58 3.86
CA GLU A 561 -14.79 -12.01 5.22
C GLU A 561 -13.81 -10.89 5.47
N GLN A 562 -12.74 -10.88 4.69
CA GLN A 562 -11.78 -9.81 4.68
C GLN A 562 -11.51 -9.52 3.21
N GLY A 563 -10.83 -8.40 2.93
CA GLY A 563 -10.61 -8.07 1.54
C GLY A 563 -9.24 -7.55 1.18
N ARG A 564 -8.24 -7.99 1.93
CA ARG A 564 -6.85 -7.67 1.59
C ARG A 564 -6.56 -8.26 0.22
N MET A 565 -6.27 -7.41 -0.76
CA MET A 565 -6.08 -7.91 -2.15
C MET A 565 -5.10 -9.05 -2.31
N LYS A 566 -4.00 -9.00 -1.57
CA LYS A 566 -3.03 -10.13 -1.48
C LYS A 566 -3.71 -11.51 -1.26
N PHE A 567 -4.77 -11.54 -0.44
CA PHE A 567 -5.46 -12.78 -0.14
C PHE A 567 -6.71 -13.03 -1.02
N THR A 568 -7.57 -12.02 -1.09
CA THR A 568 -8.86 -12.10 -1.77
C THR A 568 -8.71 -12.36 -3.26
N ARG A 569 -7.81 -11.68 -3.94
CA ARG A 569 -7.65 -11.93 -5.36
C ARG A 569 -7.20 -13.36 -5.73
N PRO A 570 -6.08 -13.87 -5.14
CA PRO A 570 -5.72 -15.24 -5.56
C PRO A 570 -6.65 -16.32 -5.01
N LEU A 571 -7.31 -16.09 -3.89
CA LEU A 571 -8.26 -17.10 -3.44
C LEU A 571 -9.43 -17.21 -4.46
N PHE A 572 -9.97 -16.08 -4.90
CA PHE A 572 -10.97 -16.06 -5.94
C PHE A 572 -10.48 -16.73 -7.23
N LYS A 573 -9.30 -16.37 -7.72
CA LYS A 573 -8.71 -17.03 -8.89
C LYS A 573 -8.65 -18.54 -8.74
N ASP A 574 -8.05 -19.00 -7.63
CA ASP A 574 -7.88 -20.43 -7.38
C ASP A 574 -9.23 -21.11 -7.38
N LEU A 575 -10.20 -20.47 -6.74
CA LEU A 575 -11.58 -20.98 -6.66
C LEU A 575 -12.22 -21.07 -8.04
N ALA A 576 -11.94 -20.09 -8.89
CA ALA A 576 -12.51 -20.09 -10.21
C ALA A 576 -11.88 -21.13 -11.10
N ALA A 577 -10.60 -21.44 -10.88
CA ALA A 577 -9.89 -22.39 -11.74
C ALA A 577 -10.20 -23.85 -11.37
N PHE A 578 -10.75 -24.05 -10.20
CA PHE A 578 -11.14 -25.39 -9.72
C PHE A 578 -12.59 -25.66 -10.21
N ASP A 579 -12.76 -26.64 -11.09
CA ASP A 579 -14.09 -26.88 -11.70
C ASP A 579 -15.24 -26.98 -10.67
N LYS A 580 -14.96 -27.55 -9.52
CA LYS A 580 -15.99 -27.77 -8.49
C LYS A 580 -16.44 -26.51 -7.78
N SER A 581 -15.60 -25.49 -7.78
CA SER A 581 -15.93 -24.32 -7.02
C SER A 581 -16.16 -23.15 -7.97
N HIS A 582 -15.76 -23.32 -9.22
CA HIS A 582 -15.92 -22.28 -10.19
C HIS A 582 -17.22 -21.53 -10.06
N ASP A 583 -18.36 -22.22 -10.11
CA ASP A 583 -19.65 -21.54 -10.14
C ASP A 583 -19.97 -20.77 -8.87
N GLN A 584 -19.70 -21.33 -7.70
CA GLN A 584 -19.84 -20.59 -6.44
C GLN A 584 -18.91 -19.38 -6.39
N ALA A 585 -17.72 -19.49 -6.99
CA ALA A 585 -16.79 -18.36 -7.05
C ALA A 585 -17.39 -17.17 -7.76
N VAL A 586 -17.85 -17.34 -9.00
CA VAL A 586 -18.48 -16.21 -9.69
C VAL A 586 -19.74 -15.80 -8.98
N ARG A 587 -20.54 -16.76 -8.53
CA ARG A 587 -21.76 -16.43 -7.80
C ARG A 587 -21.49 -15.55 -6.58
N THR A 588 -20.54 -15.96 -5.75
CA THR A 588 -20.22 -15.25 -4.53
C THR A 588 -19.67 -13.85 -4.82
N TYR A 589 -18.85 -13.74 -5.86
CA TYR A 589 -18.36 -12.47 -6.28
C TYR A 589 -19.54 -11.53 -6.57
N GLN A 590 -20.50 -11.97 -7.39
CA GLN A 590 -21.62 -11.12 -7.77
C GLN A 590 -22.52 -10.73 -6.61
N GLU A 591 -22.64 -11.59 -5.62
CA GLU A 591 -23.48 -11.26 -4.47
C GLU A 591 -22.75 -10.37 -3.46
N HIS A 592 -21.44 -10.22 -3.62
CA HIS A 592 -20.67 -9.42 -2.69
C HIS A 592 -20.16 -8.13 -3.33
N LYS A 593 -20.02 -8.17 -4.65
CA LYS A 593 -19.55 -7.07 -5.50
C LYS A 593 -20.01 -5.64 -5.09
N ALA A 594 -21.29 -5.46 -4.78
CA ALA A 594 -21.77 -4.12 -4.40
C ALA A 594 -21.13 -3.62 -3.10
N SER A 595 -20.86 -4.55 -2.20
CA SER A 595 -20.38 -4.15 -0.86
C SER A 595 -18.86 -4.24 -0.74
N MET A 596 -18.18 -4.36 -1.87
CA MET A 596 -16.73 -4.50 -1.89
C MET A 596 -16.06 -3.15 -2.12
N HIS A 597 -14.76 -3.06 -1.84
CA HIS A 597 -14.01 -1.89 -2.15
C HIS A 597 -14.05 -1.75 -3.66
N PRO A 598 -14.27 -0.52 -4.15
CA PRO A 598 -14.38 -0.39 -5.58
C PRO A 598 -13.15 -0.85 -6.34
N VAL A 599 -11.99 -0.88 -5.72
CA VAL A 599 -10.83 -1.22 -6.53
C VAL A 599 -10.63 -2.75 -6.53
N THR A 600 -10.85 -3.35 -5.38
CA THR A 600 -10.91 -4.77 -5.23
C THR A 600 -11.99 -5.39 -6.12
N ALA A 601 -13.17 -4.79 -6.15
CA ALA A 601 -14.30 -5.30 -6.98
C ALA A 601 -13.96 -5.38 -8.46
N MET A 602 -13.45 -4.27 -8.97
CA MET A 602 -12.98 -4.14 -10.33
C MET A 602 -11.95 -5.24 -10.62
N LEU A 603 -10.88 -5.30 -9.83
CA LEU A 603 -9.79 -6.21 -10.15
C LEU A 603 -10.21 -7.69 -10.05
N VAL A 604 -11.01 -8.03 -9.02
CA VAL A 604 -11.53 -9.38 -8.92
C VAL A 604 -12.38 -9.73 -10.12
N GLY A 605 -13.29 -8.83 -10.51
CA GLY A 605 -14.09 -8.94 -11.69
C GLY A 605 -13.31 -9.20 -12.95
N LYS A 606 -12.22 -8.44 -13.20
CA LYS A 606 -11.34 -8.76 -14.33
C LYS A 606 -10.69 -10.11 -14.17
N ASP A 607 -10.22 -10.43 -12.96
CA ASP A 607 -9.52 -11.70 -12.73
C ASP A 607 -10.42 -12.88 -13.11
N LEU A 608 -11.72 -12.75 -12.83
CA LEU A 608 -12.72 -13.82 -13.10
C LEU A 608 -13.35 -13.72 -14.51
N LYS A 609 -13.06 -12.67 -15.26
CA LYS A 609 -13.71 -12.40 -16.55
C LYS A 609 -15.21 -12.25 -16.42
N VAL A 610 -15.64 -11.37 -15.52
CA VAL A 610 -17.06 -10.96 -15.41
C VAL A 610 -17.25 -9.45 -15.58
ZN ZN B . 5.23 0.07 0.53
YB YB C . 5.48 38.57 -18.72
O8 52D D . 3.04 2.61 -10.11
C7 52D D . 2.82 1.50 -9.65
C9 52D D . 3.65 0.34 -10.19
C14 52D D . 3.17 -0.95 -10.29
C13 52D D . 4.02 -1.95 -10.77
N12 52D D . 5.28 -1.67 -11.14
C11 52D D . 5.77 -0.44 -11.07
C10 52D D . 4.97 0.57 -10.60
C6 52D D . 1.76 1.50 -8.58
C1 52D D . 1.92 2.22 -7.40
C5 52D D . 0.58 0.84 -8.84
C4 52D D . -0.42 0.86 -7.87
C3 52D D . -0.24 1.54 -6.67
C2 52D D . 0.94 2.23 -6.41
O15 52D D . -1.30 1.50 -5.78
C16 52D D . -1.16 1.78 -4.40
C17 52D D . -1.94 0.81 -3.54
N23 52D D . -1.13 0.61 -2.34
C19 52D D . -1.47 1.25 -1.08
C22 52D D . 0.04 -0.26 -2.30
C21 52D D . 0.25 -0.53 -0.82
C20 52D D . -0.66 0.43 -0.06
N1 IMD E . 4.52 -15.27 10.76
C2 IMD E . 3.56 -16.06 10.28
N3 IMD E . 3.52 -15.89 8.94
C4 IMD E . 4.46 -14.99 8.57
C5 IMD E . 5.08 -14.60 9.72
N1 IMD F . 7.57 -17.70 -1.59
C2 IMD F . 8.08 -17.47 -0.34
N3 IMD F . 9.04 -18.41 -0.13
C4 IMD F . 9.15 -19.24 -1.22
C5 IMD F . 8.20 -18.77 -2.13
#